data_7YXU
#
_entry.id   7YXU
#
_cell.length_a   65.064
_cell.length_b   213.465
_cell.length_c   54.012
_cell.angle_alpha   90.000
_cell.angle_beta   90.000
_cell.angle_gamma   90.000
#
_symmetry.space_group_name_H-M   'P 21 21 2'
#
loop_
_entity.id
_entity.type
_entity.pdbx_description
1 polymer 'Tumor necrosis factor receptor superfamily member 9'
2 polymer 'heavy chain of Fab'
3 polymer 'light chain of Fab'
4 non-polymer 'trimethylamine oxide'
5 non-polymer 'MANGANESE (II) ION'
6 water water
#
loop_
_entity_poly.entity_id
_entity_poly.type
_entity_poly.pdbx_seq_one_letter_code
_entity_poly.pdbx_strand_id
1 'polypeptide(L)'
;LQDPCSNCPAGTFCDNNRNQICSPCPPNSFSSAGGQRTCDICRQCKGVFRTRKECSSTSNAECDCTPGFHCLGAGCSMCE
QDCKQGQELTKKGCKDCSFGTFNDQKRGICRPWTDCSLDGKSVLVQGTKERDVVCGPGSLG
;
A
2 'polypeptide(L)'
;EVQLLESGGGLVQPGGSLRLSCAASGFTFSYGSMYWVRQAPGKGLEWVSSISSGSGSTYYADSVKGRFTISRDNSKNTLY
LQMNSLRAEDTAVYYCARSSYYGSYYSIDYWGQGTLVTVSSASTKGPSVFPLAPSSKSTSGGTAALGCLVKDYFPEPVTV
SWNSGALTSGVHTFPAVLQSSGLYSLSSVVTVPSSSLGTQTYICNVNHKPSNTKVDKKVEPKSCDKTH
;
H
3 'polypeptide(L)'
;DIQMTQSPSSLSASVGDRVTITCRASQSISSYLNWYQQKPGKAPKLLIYAASSLQSGVPSRFSGSGSGTDFTLTISSLQP
EDFATYYCQQYYDNLPTFGQGTKLEIKRTVAAPSVFIFPPSDEQLKSGTASVVCLLNNFYPREAKVQWKVDNALQSGNSQ
ESVTEQDSKDSTYSLSSTLTLSKADYEKHKVYACEVTHQGLSSPVTKSFNRGEC
;
L
#
# COMPACT_ATOMS: atom_id res chain seq x y z
N ASP A 3 34.86 -10.80 14.54
CA ASP A 3 33.52 -11.36 14.36
C ASP A 3 32.58 -10.41 13.57
N PRO A 4 31.63 -10.94 12.76
CA PRO A 4 30.72 -10.04 12.01
C PRO A 4 29.67 -9.35 12.88
N CYS A 5 29.42 -9.89 14.09
CA CYS A 5 28.47 -9.37 15.08
C CYS A 5 28.81 -7.97 15.55
N SER A 6 30.11 -7.67 15.71
CA SER A 6 30.63 -6.38 16.16
C SER A 6 30.13 -5.19 15.33
N ASN A 7 29.84 -5.43 14.04
CA ASN A 7 29.34 -4.40 13.13
C ASN A 7 27.88 -4.01 13.38
N CYS A 8 27.05 -4.93 13.93
CA CYS A 8 25.63 -4.66 14.23
C CYS A 8 25.46 -3.44 15.12
N PRO A 9 24.77 -2.37 14.65
CA PRO A 9 24.68 -1.13 15.44
C PRO A 9 23.57 -1.12 16.49
N ALA A 10 23.57 -0.07 17.34
CA ALA A 10 22.55 0.15 18.37
C ALA A 10 21.16 0.13 17.69
N GLY A 11 20.24 -0.63 18.26
CA GLY A 11 18.91 -0.81 17.70
C GLY A 11 18.74 -2.14 17.03
N THR A 12 19.85 -2.89 16.89
CA THR A 12 19.86 -4.22 16.27
C THR A 12 20.59 -5.21 17.16
N PHE A 13 20.44 -6.50 16.86
CA PHE A 13 21.15 -7.58 17.52
C PHE A 13 21.70 -8.53 16.47
N CYS A 14 22.81 -9.20 16.77
CA CYS A 14 23.40 -10.18 15.87
C CYS A 14 22.52 -11.44 15.99
N ASP A 15 21.68 -11.68 14.95
CA ASP A 15 20.69 -12.76 14.91
C ASP A 15 21.28 -14.16 14.72
N ASN A 16 21.32 -14.92 15.84
CA ASN A 16 21.84 -16.29 15.85
C ASN A 16 20.96 -17.30 15.10
N ASN A 17 19.67 -16.97 14.86
CA ASN A 17 18.72 -17.84 14.15
C ASN A 17 18.72 -17.62 12.64
N ARG A 18 19.47 -16.61 12.16
CA ARG A 18 19.54 -16.25 10.75
C ARG A 18 20.96 -15.93 10.27
N ASN A 19 21.92 -16.82 10.57
CA ASN A 19 23.33 -16.76 10.14
C ASN A 19 24.05 -15.41 10.48
N GLN A 20 23.89 -14.94 11.73
CA GLN A 20 24.54 -13.75 12.32
C GLN A 20 24.27 -12.39 11.59
N ILE A 21 23.10 -12.23 10.96
CA ILE A 21 22.68 -10.97 10.32
C ILE A 21 22.26 -9.97 11.43
N CYS A 22 22.23 -8.67 11.12
CA CYS A 22 21.76 -7.70 12.10
C CYS A 22 20.26 -7.58 11.95
N SER A 23 19.53 -7.90 13.01
CA SER A 23 18.08 -7.84 13.02
C SER A 23 17.59 -6.75 13.96
N PRO A 24 16.54 -5.97 13.59
CA PRO A 24 16.06 -4.93 14.51
C PRO A 24 15.62 -5.52 15.84
N CYS A 25 15.82 -4.79 16.94
CA CYS A 25 15.41 -5.25 18.27
C CYS A 25 13.90 -5.52 18.29
N PRO A 26 13.46 -6.65 18.89
CA PRO A 26 12.02 -6.93 18.99
C PRO A 26 11.29 -5.90 19.88
N PRO A 27 9.94 -5.79 19.83
CA PRO A 27 9.24 -4.86 20.74
C PRO A 27 9.59 -5.13 22.20
N ASN A 28 9.51 -4.11 23.07
CA ASN A 28 9.79 -4.18 24.51
C ASN A 28 11.29 -4.48 24.81
N SER A 29 12.16 -4.30 23.81
CA SER A 29 13.60 -4.50 24.00
C SER A 29 14.42 -3.37 23.36
N PHE A 30 15.69 -3.24 23.77
CA PHE A 30 16.59 -2.19 23.29
C PHE A 30 18.06 -2.66 23.27
N SER A 31 18.89 -1.94 22.51
CA SER A 31 20.34 -2.12 22.46
C SER A 31 20.90 -0.74 22.18
N SER A 32 21.42 -0.09 23.23
CA SER A 32 21.98 1.26 23.15
C SER A 32 23.44 1.23 22.68
N ALA A 33 23.97 0.01 22.48
CA ALA A 33 25.31 -0.25 22.00
C ALA A 33 25.28 -1.28 20.87
N GLY A 34 26.37 -1.35 20.12
CA GLY A 34 26.53 -2.29 19.02
C GLY A 34 27.16 -3.60 19.45
N GLY A 35 27.14 -4.58 18.54
CA GLY A 35 27.74 -5.89 18.75
C GLY A 35 27.05 -6.82 19.73
N GLN A 36 25.82 -6.50 20.16
CA GLN A 36 25.06 -7.35 21.10
C GLN A 36 24.41 -8.51 20.33
N ARG A 37 24.37 -9.70 20.94
CA ARG A 37 23.74 -10.88 20.33
C ARG A 37 22.26 -11.01 20.72
N THR A 38 21.81 -10.21 21.69
CA THR A 38 20.42 -10.11 22.15
C THR A 38 20.16 -8.68 22.61
N CYS A 39 18.89 -8.25 22.49
CA CYS A 39 18.51 -6.93 22.97
C CYS A 39 18.02 -7.07 24.40
N ASP A 40 18.29 -6.06 25.21
CA ASP A 40 17.92 -6.04 26.63
C ASP A 40 16.46 -5.66 26.79
N ILE A 41 15.75 -6.29 27.73
CA ILE A 41 14.33 -6.02 28.02
C ILE A 41 14.21 -4.59 28.55
N CYS A 42 13.20 -3.85 28.07
CA CYS A 42 12.92 -2.49 28.51
C CYS A 42 12.44 -2.49 29.95
N ARG A 43 12.77 -1.42 30.68
CA ARG A 43 12.34 -1.24 32.06
C ARG A 43 10.84 -0.86 32.03
N GLN A 44 10.05 -1.45 32.92
CA GLN A 44 8.63 -1.15 33.02
C GLN A 44 8.42 -0.10 34.09
N CYS A 45 7.86 1.06 33.71
CA CYS A 45 7.60 2.17 34.64
C CYS A 45 6.18 2.01 35.15
N LYS A 46 6.03 1.33 36.29
CA LYS A 46 4.72 1.06 36.91
C LYS A 46 4.81 1.09 38.43
N GLY A 47 3.66 1.10 39.09
CA GLY A 47 3.55 1.17 40.54
C GLY A 47 3.75 2.61 40.97
N VAL A 48 4.83 2.88 41.72
CA VAL A 48 5.17 4.24 42.14
C VAL A 48 5.81 4.97 40.96
N PHE A 49 6.32 4.20 39.97
CA PHE A 49 6.97 4.72 38.76
C PHE A 49 5.98 5.01 37.66
N ARG A 50 6.29 6.04 36.84
CA ARG A 50 5.48 6.45 35.70
C ARG A 50 6.41 6.65 34.50
N THR A 51 5.93 6.41 33.28
CA THR A 51 6.76 6.54 32.08
C THR A 51 7.01 8.01 31.72
N ARG A 52 8.29 8.40 31.58
CA ARG A 52 8.68 9.73 31.17
C ARG A 52 9.04 9.65 29.69
N LYS A 53 10.05 8.83 29.37
CA LYS A 53 10.50 8.59 28.00
C LYS A 53 10.23 7.11 27.70
N GLU A 54 9.39 6.84 26.69
CA GLU A 54 9.03 5.48 26.26
C GLU A 54 10.26 4.76 25.68
N CYS A 55 10.27 3.43 25.77
CA CYS A 55 11.37 2.63 25.24
C CYS A 55 11.37 2.62 23.70
N SER A 56 12.56 2.54 23.10
CA SER A 56 12.78 2.46 21.67
C SER A 56 13.87 1.42 21.43
N SER A 57 14.11 1.01 20.17
CA SER A 57 15.13 0.01 19.85
C SER A 57 16.56 0.42 20.26
N THR A 58 16.84 1.74 20.35
CA THR A 58 18.15 2.31 20.68
C THR A 58 18.31 2.85 22.11
N SER A 59 17.23 2.92 22.89
CA SER A 59 17.28 3.46 24.24
C SER A 59 16.21 2.86 25.15
N ASN A 60 16.58 2.64 26.42
CA ASN A 60 15.71 2.10 27.46
C ASN A 60 14.68 3.14 27.88
N ALA A 61 13.52 2.66 28.40
CA ALA A 61 12.47 3.51 28.94
C ALA A 61 12.99 4.22 30.21
N GLU A 62 12.67 5.51 30.33
CA GLU A 62 13.07 6.35 31.45
C GLU A 62 11.88 6.64 32.33
N CYS A 63 12.00 6.29 33.62
CA CYS A 63 10.93 6.45 34.60
C CYS A 63 10.96 7.79 35.33
N ASP A 64 9.76 8.18 35.79
CA ASP A 64 9.40 9.34 36.57
C ASP A 64 8.68 8.79 37.80
N CYS A 65 8.34 9.65 38.75
CA CYS A 65 7.59 9.25 39.94
C CYS A 65 6.17 9.79 39.91
N THR A 66 5.31 9.29 40.81
CA THR A 66 3.92 9.69 40.97
C THR A 66 3.87 11.15 41.52
N PRO A 67 2.93 12.04 41.08
CA PRO A 67 2.89 13.41 41.63
C PRO A 67 2.90 13.45 43.17
N GLY A 68 3.77 14.29 43.71
CA GLY A 68 4.01 14.42 45.14
C GLY A 68 5.27 13.67 45.54
N PHE A 69 5.99 13.16 44.52
CA PHE A 69 7.23 12.39 44.67
C PHE A 69 8.21 12.75 43.57
N HIS A 70 9.50 12.53 43.84
CA HIS A 70 10.59 12.81 42.92
C HIS A 70 11.56 11.62 42.85
N CYS A 71 12.30 11.53 41.73
CA CYS A 71 13.28 10.48 41.49
C CYS A 71 14.50 10.58 42.41
N LEU A 72 14.97 9.43 42.89
CA LEU A 72 16.15 9.31 43.74
C LEU A 72 17.14 8.36 43.07
N GLY A 73 18.41 8.76 43.06
CA GLY A 73 19.49 7.96 42.47
C GLY A 73 19.54 7.97 40.95
N ALA A 74 20.55 7.28 40.40
CA ALA A 74 20.80 7.17 38.97
C ALA A 74 19.72 6.34 38.27
N GLY A 75 19.19 6.89 37.17
CA GLY A 75 18.16 6.29 36.34
C GLY A 75 16.80 6.10 37.00
N CYS A 76 16.50 6.94 38.03
CA CYS A 76 15.27 6.93 38.83
C CYS A 76 14.99 5.54 39.44
N SER A 77 15.87 5.12 40.37
CA SER A 77 15.81 3.83 41.05
C SER A 77 14.84 3.81 42.23
N MET A 78 14.52 4.99 42.80
CA MET A 78 13.62 5.16 43.94
C MET A 78 12.76 6.40 43.79
N CYS A 79 11.65 6.45 44.54
CA CYS A 79 10.75 7.60 44.60
C CYS A 79 10.73 8.15 46.03
N GLU A 80 11.20 9.40 46.18
CA GLU A 80 11.29 10.09 47.47
C GLU A 80 10.18 11.12 47.56
N GLN A 81 9.57 11.25 48.76
CA GLN A 81 8.47 12.18 49.01
C GLN A 81 8.87 13.64 48.86
N ASP A 82 8.05 14.41 48.13
CA ASP A 82 8.23 15.85 47.92
C ASP A 82 7.86 16.62 49.19
N CYS A 83 8.62 17.69 49.48
CA CYS A 83 8.32 18.61 50.58
C CYS A 83 8.06 19.97 49.95
N LYS A 84 7.65 20.96 50.76
CA LYS A 84 7.41 22.30 50.23
C LYS A 84 8.75 23.05 50.17
N GLN A 85 8.78 24.18 49.42
CA GLN A 85 9.94 25.07 49.39
C GLN A 85 10.02 25.63 50.81
N GLY A 86 11.22 25.62 51.39
CA GLY A 86 11.42 26.07 52.76
C GLY A 86 11.35 24.95 53.78
N GLN A 87 11.44 23.70 53.30
CA GLN A 87 11.40 22.47 54.08
C GLN A 87 12.43 21.46 53.55
N GLU A 88 12.62 20.39 54.31
CA GLU A 88 13.48 19.26 53.97
C GLU A 88 12.86 17.96 54.52
N LEU A 89 13.27 16.81 53.97
CA LEU A 89 12.73 15.55 54.43
C LEU A 89 13.59 14.92 55.54
N THR A 90 12.93 14.56 56.66
CA THR A 90 13.53 13.88 57.81
C THR A 90 12.83 12.52 57.96
N LYS A 91 13.28 11.70 58.94
CA LYS A 91 12.68 10.38 59.23
C LYS A 91 11.20 10.54 59.63
N LYS A 92 10.88 11.64 60.35
CA LYS A 92 9.53 11.97 60.81
C LYS A 92 8.79 12.96 59.85
N GLY A 93 9.06 12.85 58.55
CA GLY A 93 8.43 13.65 57.51
C GLY A 93 9.03 15.02 57.24
N CYS A 94 8.31 15.84 56.44
CA CYS A 94 8.72 17.20 56.04
C CYS A 94 8.77 18.14 57.22
N LYS A 95 9.93 18.81 57.42
CA LYS A 95 10.14 19.78 58.49
C LYS A 95 10.75 21.05 57.92
N ASP A 96 10.23 22.22 58.35
CA ASP A 96 10.68 23.55 57.93
C ASP A 96 12.17 23.74 58.12
N CYS A 97 12.80 24.55 57.24
CA CYS A 97 14.22 24.89 57.33
C CYS A 97 14.41 25.68 58.61
N SER A 98 15.51 25.39 59.34
CA SER A 98 15.85 26.11 60.57
C SER A 98 16.38 27.49 60.17
N PHE A 99 16.20 28.51 61.03
CA PHE A 99 16.63 29.89 60.73
C PHE A 99 18.10 29.98 60.30
N GLY A 100 18.33 30.68 59.19
CA GLY A 100 19.66 30.84 58.60
C GLY A 100 19.90 29.88 57.45
N THR A 101 18.95 28.95 57.21
CA THR A 101 19.00 27.96 56.13
C THR A 101 17.78 28.11 55.20
N PHE A 102 17.91 27.64 53.94
CA PHE A 102 16.86 27.73 52.93
C PHE A 102 16.84 26.52 52.01
N ASN A 103 15.72 26.37 51.28
CA ASN A 103 15.52 25.38 50.26
C ASN A 103 14.49 25.94 49.27
N ASP A 104 14.98 26.26 48.06
CA ASP A 104 14.18 26.82 46.96
C ASP A 104 13.51 25.74 46.11
N GLN A 105 13.67 24.46 46.49
CA GLN A 105 13.12 23.31 45.77
C GLN A 105 12.24 22.40 46.62
N LYS A 106 11.34 21.64 45.95
CA LYS A 106 10.40 20.67 46.54
C LYS A 106 11.11 19.35 46.90
N ARG A 107 12.43 19.31 46.69
CA ARG A 107 13.33 18.18 46.94
C ARG A 107 14.65 18.69 47.53
N GLY A 108 15.41 17.79 48.15
CA GLY A 108 16.70 18.11 48.73
C GLY A 108 16.67 18.58 50.18
N ILE A 109 17.81 19.13 50.65
CA ILE A 109 17.95 19.58 52.03
C ILE A 109 18.14 21.10 52.15
N CYS A 110 17.95 21.63 53.37
CA CYS A 110 18.14 23.05 53.69
C CYS A 110 19.62 23.37 53.68
N ARG A 111 19.98 24.48 53.02
CA ARG A 111 21.35 24.94 52.89
C ARG A 111 21.52 26.27 53.61
N PRO A 112 22.66 26.54 54.31
CA PRO A 112 22.82 27.87 54.93
C PRO A 112 22.91 28.96 53.89
N TRP A 113 22.46 30.19 54.22
CA TRP A 113 22.51 31.35 53.31
C TRP A 113 23.95 31.70 52.97
N THR A 114 24.16 32.24 51.76
CA THR A 114 25.46 32.72 51.25
C THR A 114 25.97 33.83 52.19
N ASP A 115 27.28 33.88 52.40
CA ASP A 115 27.89 34.92 53.23
C ASP A 115 28.32 36.03 52.28
N CYS A 116 27.55 37.14 52.27
CA CYS A 116 27.83 38.30 51.42
C CYS A 116 29.15 38.95 51.82
N SER A 117 29.44 39.03 53.14
CA SER A 117 30.65 39.66 53.69
C SER A 117 31.96 39.04 53.16
N LEU A 118 31.92 37.77 52.73
CA LEU A 118 33.05 37.03 52.15
C LEU A 118 33.54 37.68 50.85
N ASP A 119 32.61 38.21 50.02
CA ASP A 119 32.89 38.87 48.75
C ASP A 119 33.01 40.38 48.93
N GLY A 120 33.02 40.84 50.19
CA GLY A 120 33.06 42.25 50.53
C GLY A 120 31.75 42.94 50.21
N LYS A 121 30.68 42.14 50.03
CA LYS A 121 29.34 42.57 49.67
C LYS A 121 28.47 42.76 50.90
N SER A 122 27.45 43.63 50.75
CA SER A 122 26.48 43.94 51.79
C SER A 122 25.27 43.03 51.63
N VAL A 123 24.47 42.86 52.69
CA VAL A 123 23.23 42.11 52.60
C VAL A 123 22.17 43.14 52.26
N LEU A 124 21.50 42.98 51.11
CA LEU A 124 20.43 43.87 50.67
C LEU A 124 19.06 43.32 51.07
N VAL A 125 18.85 42.03 50.87
CA VAL A 125 17.62 41.32 51.22
C VAL A 125 18.07 40.10 52.01
N GLN A 126 17.59 39.96 53.26
CA GLN A 126 17.92 38.80 54.09
C GLN A 126 17.29 37.57 53.44
N GLY A 127 17.93 36.41 53.60
CA GLY A 127 17.41 35.15 53.12
C GLY A 127 16.19 34.72 53.89
N THR A 128 15.45 33.75 53.36
CA THR A 128 14.24 33.22 53.98
C THR A 128 14.40 31.70 54.11
N LYS A 129 13.29 30.97 54.27
CA LYS A 129 13.34 29.52 54.33
C LYS A 129 13.36 28.96 52.90
N GLU A 130 12.85 29.76 51.93
CA GLU A 130 12.74 29.37 50.52
C GLU A 130 13.67 30.12 49.55
N ARG A 131 14.33 31.19 50.03
CA ARG A 131 15.23 31.95 49.18
C ARG A 131 16.53 32.29 49.86
N ASP A 132 17.62 32.36 49.07
CA ASP A 132 18.92 32.75 49.58
C ASP A 132 18.93 34.28 49.71
N VAL A 133 19.93 34.80 50.43
CA VAL A 133 20.20 36.22 50.63
C VAL A 133 20.47 36.91 49.26
N VAL A 134 20.14 38.20 49.11
CA VAL A 134 20.51 38.91 47.90
C VAL A 134 21.56 39.96 48.34
N CYS A 135 22.79 39.79 47.81
CA CYS A 135 23.94 40.63 48.16
C CYS A 135 24.01 41.92 47.35
N GLY A 136 24.76 42.89 47.86
CA GLY A 136 24.98 44.18 47.21
C GLY A 136 26.05 44.11 46.13
N PRO A 137 26.39 45.24 45.47
CA PRO A 137 27.43 45.18 44.42
C PRO A 137 28.85 45.30 44.99
N GLU B 1 -4.56 5.65 14.47
CA GLU B 1 -4.78 5.10 13.13
C GLU B 1 -3.52 5.20 12.28
N VAL B 2 -2.95 4.05 11.89
CA VAL B 2 -1.76 3.98 11.05
C VAL B 2 -2.15 4.38 9.62
N GLN B 3 -1.48 5.42 9.09
CA GLN B 3 -1.73 5.92 7.74
C GLN B 3 -0.41 6.16 7.04
N LEU B 4 -0.30 5.69 5.78
CA LEU B 4 0.89 5.83 4.92
C LEU B 4 0.40 6.46 3.63
N LEU B 5 1.07 7.53 3.18
CA LEU B 5 0.68 8.20 1.96
C LEU B 5 1.89 8.55 1.12
N GLU B 6 1.95 7.94 -0.06
CA GLU B 6 3.02 8.19 -1.02
C GLU B 6 2.68 9.38 -1.92
N SER B 7 3.71 10.09 -2.36
CA SER B 7 3.66 11.18 -3.33
C SER B 7 5.02 11.24 -4.05
N GLY B 8 5.09 12.01 -5.15
CA GLY B 8 6.29 12.17 -5.94
C GLY B 8 6.31 11.34 -7.21
N GLY B 9 5.28 10.53 -7.40
CA GLY B 9 5.14 9.67 -8.57
C GLY B 9 4.74 10.47 -9.80
N GLY B 10 5.04 9.94 -10.97
CA GLY B 10 4.71 10.60 -12.20
C GLY B 10 5.58 10.19 -13.35
N LEU B 11 5.46 10.93 -14.45
CA LEU B 11 6.19 10.68 -15.67
C LEU B 11 7.60 11.19 -15.57
N VAL B 12 8.55 10.36 -15.99
CA VAL B 12 9.98 10.63 -15.97
C VAL B 12 10.63 9.98 -17.19
N GLN B 13 11.56 10.69 -17.83
CA GLN B 13 12.27 10.22 -19.00
C GLN B 13 13.38 9.22 -18.64
N PRO B 14 13.60 8.15 -19.47
CA PRO B 14 14.71 7.21 -19.19
C PRO B 14 16.06 7.91 -19.02
N GLY B 15 16.81 7.47 -18.01
CA GLY B 15 18.09 8.05 -17.62
C GLY B 15 17.92 9.03 -16.48
N GLY B 16 16.70 9.51 -16.30
CA GLY B 16 16.30 10.49 -15.30
C GLY B 16 16.19 9.98 -13.88
N SER B 17 15.82 10.91 -12.99
CA SER B 17 15.69 10.69 -11.56
C SER B 17 14.34 11.12 -11.05
N LEU B 18 13.91 10.50 -9.96
CA LEU B 18 12.65 10.83 -9.30
C LEU B 18 12.81 10.55 -7.81
N ARG B 19 12.24 11.40 -6.96
CA ARG B 19 12.31 11.19 -5.52
C ARG B 19 10.89 11.02 -5.01
N LEU B 20 10.61 9.86 -4.42
CA LEU B 20 9.31 9.53 -3.83
C LEU B 20 9.33 9.84 -2.36
N SER B 21 8.17 10.22 -1.83
CA SER B 21 7.99 10.53 -0.41
C SER B 21 6.86 9.66 0.12
N CYS B 22 6.96 9.25 1.37
CA CYS B 22 5.92 8.47 2.03
C CYS B 22 5.73 9.10 3.40
N ALA B 23 4.60 9.81 3.56
CA ALA B 23 4.23 10.48 4.80
C ALA B 23 3.50 9.46 5.67
N ALA B 24 3.90 9.34 6.92
CA ALA B 24 3.30 8.40 7.87
C ALA B 24 2.68 9.13 9.04
N SER B 25 1.65 8.51 9.66
CA SER B 25 0.99 9.00 10.88
C SER B 25 0.42 7.82 11.67
N GLY B 26 0.11 8.06 12.95
CA GLY B 26 -0.51 7.08 13.83
C GLY B 26 0.43 6.09 14.50
N PHE B 27 1.74 6.31 14.35
CA PHE B 27 2.78 5.48 14.95
C PHE B 27 4.10 6.25 15.05
N THR B 28 4.97 5.79 15.96
CA THR B 28 6.31 6.31 16.14
C THR B 28 7.25 5.21 15.64
N PHE B 29 8.20 5.57 14.77
CA PHE B 29 9.13 4.60 14.19
C PHE B 29 10.25 4.27 15.15
N SER B 30 9.88 3.67 16.28
CA SER B 30 10.82 3.30 17.34
C SER B 30 11.17 1.82 17.29
N TYR B 31 10.38 1.03 16.52
CA TYR B 31 10.57 -0.41 16.36
C TYR B 31 10.33 -0.86 14.92
N GLY B 32 11.02 -1.94 14.55
CA GLY B 32 10.91 -2.57 13.24
C GLY B 32 11.49 -1.84 12.07
N SER B 33 10.86 -2.04 10.91
CA SER B 33 11.29 -1.49 9.65
C SER B 33 10.17 -0.86 8.83
N MET B 34 10.62 -0.15 7.78
CA MET B 34 9.79 0.44 6.76
CA MET B 34 9.80 0.49 6.76
C MET B 34 10.37 0.05 5.42
N TYR B 35 9.49 -0.14 4.43
CA TYR B 35 9.87 -0.66 3.12
C TYR B 35 9.31 0.09 1.94
N TRP B 36 9.91 -0.19 0.77
CA TRP B 36 9.40 0.20 -0.54
C TRP B 36 9.29 -1.13 -1.31
N VAL B 37 8.10 -1.36 -1.87
CA VAL B 37 7.75 -2.54 -2.67
C VAL B 37 7.14 -1.98 -3.94
N ARG B 38 7.53 -2.52 -5.09
CA ARG B 38 6.97 -2.01 -6.35
C ARG B 38 6.25 -3.09 -7.13
N GLN B 39 5.29 -2.68 -7.98
CA GLN B 39 4.54 -3.61 -8.80
C GLN B 39 4.37 -3.10 -10.23
N ALA B 40 5.05 -3.75 -11.19
CA ALA B 40 4.93 -3.40 -12.61
C ALA B 40 3.53 -3.78 -13.09
N PRO B 41 2.87 -2.97 -13.98
CA PRO B 41 1.50 -3.32 -14.40
C PRO B 41 1.31 -4.77 -14.86
N GLY B 42 0.42 -5.49 -14.16
CA GLY B 42 0.11 -6.89 -14.43
C GLY B 42 1.16 -7.90 -13.99
N LYS B 43 2.26 -7.43 -13.35
CA LYS B 43 3.34 -8.28 -12.84
C LYS B 43 3.28 -8.45 -11.31
N GLY B 44 4.19 -9.23 -10.75
CA GLY B 44 4.19 -9.52 -9.31
C GLY B 44 4.83 -8.48 -8.41
N LEU B 45 4.63 -8.61 -7.10
CA LEU B 45 5.21 -7.74 -6.07
C LEU B 45 6.71 -7.92 -6.03
N GLU B 46 7.46 -6.81 -6.00
CA GLU B 46 8.92 -6.84 -5.94
C GLU B 46 9.38 -5.97 -4.80
N TRP B 47 9.98 -6.58 -3.77
CA TRP B 47 10.51 -5.82 -2.65
C TRP B 47 11.77 -5.12 -3.18
N VAL B 48 11.93 -3.82 -2.92
CA VAL B 48 13.10 -3.11 -3.46
C VAL B 48 14.00 -2.55 -2.38
N SER B 49 13.42 -2.10 -1.25
CA SER B 49 14.22 -1.46 -0.20
C SER B 49 13.63 -1.55 1.19
N SER B 50 14.52 -1.53 2.22
CA SER B 50 14.18 -1.56 3.65
C SER B 50 15.04 -0.58 4.42
N ILE B 51 14.53 -0.12 5.56
CA ILE B 51 15.23 0.76 6.48
C ILE B 51 14.85 0.37 7.89
N SER B 52 15.85 0.14 8.76
CA SER B 52 15.61 -0.23 10.15
C SER B 52 15.41 1.00 11.00
N SER B 53 14.52 0.91 12.01
CA SER B 53 14.29 1.99 12.96
C SER B 53 15.52 2.13 13.86
N GLY B 54 15.72 3.33 14.41
CA GLY B 54 16.84 3.61 15.30
C GLY B 54 18.13 3.87 14.57
N SER B 55 18.73 2.79 14.01
CA SER B 55 19.98 2.85 13.28
C SER B 55 19.84 3.46 11.90
N GLY B 56 18.78 3.08 11.18
CA GLY B 56 18.60 3.53 9.81
C GLY B 56 19.43 2.70 8.85
N SER B 57 19.71 1.42 9.22
CA SER B 57 20.43 0.44 8.40
C SER B 57 19.54 0.14 7.19
N THR B 58 20.13 0.17 5.99
CA THR B 58 19.38 -0.01 4.75
C THR B 58 19.76 -1.27 4.01
N TYR B 59 18.80 -1.75 3.22
CA TYR B 59 18.90 -2.97 2.43
C TYR B 59 18.25 -2.74 1.09
N TYR B 60 18.83 -3.31 0.03
CA TYR B 60 18.36 -3.13 -1.33
C TYR B 60 18.31 -4.42 -2.09
N ALA B 61 17.36 -4.53 -3.03
CA ALA B 61 17.28 -5.65 -3.95
C ALA B 61 18.39 -5.41 -5.00
N ASP B 62 18.96 -6.48 -5.56
CA ASP B 62 20.03 -6.39 -6.58
C ASP B 62 19.60 -5.60 -7.82
N SER B 63 18.29 -5.62 -8.13
CA SER B 63 17.66 -4.95 -9.27
C SER B 63 17.72 -3.40 -9.19
N VAL B 64 17.88 -2.83 -7.97
CA VAL B 64 17.86 -1.38 -7.71
C VAL B 64 19.11 -0.85 -7.01
N LYS B 65 19.96 -1.78 -6.48
CA LYS B 65 21.20 -1.49 -5.76
C LYS B 65 22.10 -0.56 -6.61
N GLY B 66 22.57 0.52 -5.98
CA GLY B 66 23.42 1.50 -6.64
C GLY B 66 22.69 2.63 -7.35
N ARG B 67 21.40 2.44 -7.66
CA ARG B 67 20.59 3.45 -8.33
C ARG B 67 19.59 4.10 -7.35
N PHE B 68 19.06 3.31 -6.40
CA PHE B 68 18.05 3.75 -5.44
C PHE B 68 18.60 3.93 -4.03
N THR B 69 18.09 4.96 -3.32
CA THR B 69 18.46 5.22 -1.95
C THR B 69 17.22 5.47 -1.08
N ILE B 70 17.07 4.68 -0.01
CA ILE B 70 16.01 4.84 0.99
C ILE B 70 16.60 5.66 2.16
N SER B 71 15.80 6.58 2.70
CA SER B 71 16.17 7.41 3.84
C SER B 71 14.90 7.83 4.61
N ARG B 72 15.05 8.16 5.90
CA ARG B 72 13.94 8.57 6.75
C ARG B 72 14.27 9.86 7.46
N ASP B 73 13.43 10.88 7.29
CA ASP B 73 13.51 12.16 8.00
C ASP B 73 12.49 11.99 9.12
N ASN B 74 12.95 11.59 10.31
CA ASN B 74 12.09 11.34 11.47
C ASN B 74 11.36 12.59 11.98
N SER B 75 12.01 13.77 11.89
CA SER B 75 11.45 15.07 12.27
C SER B 75 10.17 15.39 11.48
N LYS B 76 10.10 14.90 10.21
CA LYS B 76 8.96 15.08 9.32
C LYS B 76 8.18 13.76 9.19
N ASN B 77 8.65 12.65 9.82
CA ASN B 77 8.04 11.31 9.73
C ASN B 77 7.80 10.91 8.26
N THR B 78 8.77 11.23 7.39
CA THR B 78 8.71 10.96 5.96
C THR B 78 9.84 10.02 5.51
N LEU B 79 9.45 8.97 4.78
CA LEU B 79 10.32 7.97 4.19
C LEU B 79 10.54 8.39 2.73
N TYR B 80 11.77 8.33 2.24
CA TYR B 80 12.08 8.69 0.86
C TYR B 80 12.63 7.55 0.05
N LEU B 81 12.44 7.62 -1.27
CA LEU B 81 13.07 6.73 -2.25
C LEU B 81 13.61 7.62 -3.36
N GLN B 82 14.94 7.80 -3.37
CA GLN B 82 15.63 8.55 -4.43
C GLN B 82 15.93 7.52 -5.51
N MET B 83 15.41 7.75 -6.71
CA MET B 83 15.55 6.80 -7.80
C MET B 83 16.32 7.42 -8.93
N ASN B 84 17.55 6.96 -9.16
CA ASN B 84 18.40 7.46 -10.23
C ASN B 84 18.53 6.47 -11.38
N SER B 85 18.96 6.96 -12.56
CA SER B 85 19.19 6.19 -13.80
C SER B 85 18.04 5.23 -14.07
N LEU B 86 16.84 5.80 -14.19
CA LEU B 86 15.59 5.08 -14.40
C LEU B 86 15.46 4.58 -15.82
N ARG B 87 14.90 3.38 -15.98
CA ARG B 87 14.69 2.70 -17.26
C ARG B 87 13.23 2.27 -17.29
N ALA B 88 12.73 1.82 -18.46
CA ALA B 88 11.36 1.34 -18.66
C ALA B 88 10.95 0.26 -17.67
N GLU B 89 11.86 -0.67 -17.27
CA GLU B 89 11.61 -1.75 -16.29
C GLU B 89 11.25 -1.21 -14.89
N ASP B 90 11.58 0.08 -14.64
CA ASP B 90 11.27 0.69 -13.34
C ASP B 90 9.82 1.23 -13.28
N THR B 91 9.07 1.20 -14.40
CA THR B 91 7.66 1.60 -14.46
C THR B 91 6.89 0.67 -13.55
N ALA B 92 6.22 1.21 -12.53
CA ALA B 92 5.51 0.41 -11.54
C ALA B 92 4.74 1.31 -10.56
N VAL B 93 3.84 0.70 -9.80
CA VAL B 93 3.18 1.37 -8.69
C VAL B 93 4.16 1.10 -7.55
N TYR B 94 4.62 2.15 -6.88
CA TYR B 94 5.56 2.06 -5.78
C TYR B 94 4.81 2.24 -4.49
N TYR B 95 4.89 1.24 -3.60
CA TYR B 95 4.23 1.25 -2.30
C TYR B 95 5.21 1.41 -1.17
N CYS B 96 4.89 2.25 -0.19
CA CYS B 96 5.68 2.25 1.03
C CYS B 96 4.92 1.36 2.00
N ALA B 97 5.63 0.75 2.94
CA ALA B 97 5.05 -0.21 3.86
C ALA B 97 5.71 -0.12 5.21
N ARG B 98 5.00 -0.58 6.26
CA ARG B 98 5.48 -0.62 7.64
C ARG B 98 5.40 -2.06 8.16
N SER B 99 6.35 -2.42 9.01
CA SER B 99 6.40 -3.75 9.59
C SER B 99 5.43 -3.93 10.75
N SER B 100 5.22 -5.19 11.11
CA SER B 100 4.55 -5.67 12.30
C SER B 100 5.37 -6.87 12.75
N TYR B 101 5.36 -7.14 14.05
CA TYR B 101 6.10 -8.23 14.65
C TYR B 101 5.19 -9.40 14.95
N TYR B 102 5.36 -10.51 14.22
CA TYR B 102 4.61 -11.74 14.42
C TYR B 102 5.56 -12.93 14.34
N GLY B 103 5.39 -13.92 15.22
CA GLY B 103 6.19 -15.13 15.26
C GLY B 103 7.69 -14.94 15.33
N SER B 104 8.14 -14.05 16.22
CA SER B 104 9.54 -13.70 16.53
C SER B 104 10.31 -12.92 15.42
N TYR B 105 9.60 -12.30 14.46
CA TYR B 105 10.26 -11.46 13.44
C TYR B 105 9.35 -10.37 12.87
N TYR B 106 9.98 -9.35 12.24
CA TYR B 106 9.31 -8.22 11.58
C TYR B 106 9.05 -8.56 10.13
N SER B 107 7.83 -8.33 9.68
CA SER B 107 7.47 -8.55 8.30
C SER B 107 6.49 -7.47 7.84
N ILE B 108 6.32 -7.32 6.51
CA ILE B 108 5.41 -6.31 5.94
C ILE B 108 3.95 -6.58 6.39
N ASP B 109 3.28 -5.56 6.94
CA ASP B 109 1.89 -5.65 7.36
C ASP B 109 1.04 -4.49 6.81
N TYR B 110 1.50 -3.25 6.99
CA TYR B 110 0.80 -2.04 6.52
C TYR B 110 1.36 -1.61 5.20
N TRP B 111 0.48 -1.18 4.30
CA TRP B 111 0.80 -0.71 2.95
C TRP B 111 0.09 0.60 2.72
N GLY B 112 0.73 1.47 1.94
CA GLY B 112 0.09 2.70 1.47
C GLY B 112 -0.72 2.35 0.23
N GLN B 113 -1.33 3.36 -0.42
CA GLN B 113 -2.14 3.14 -1.63
C GLN B 113 -1.31 3.02 -2.92
N GLY B 114 -0.05 3.48 -2.86
CA GLY B 114 0.88 3.46 -3.97
C GLY B 114 0.92 4.73 -4.79
N THR B 115 2.02 4.93 -5.51
CA THR B 115 2.23 6.06 -6.42
C THR B 115 2.81 5.48 -7.70
N LEU B 116 2.17 5.82 -8.83
CA LEU B 116 2.59 5.31 -10.13
C LEU B 116 3.75 6.10 -10.70
N VAL B 117 4.83 5.38 -11.09
CA VAL B 117 6.01 5.96 -11.70
C VAL B 117 6.06 5.40 -13.12
N THR B 118 6.05 6.28 -14.13
CA THR B 118 6.09 5.90 -15.53
C THR B 118 7.39 6.39 -16.12
N VAL B 119 8.20 5.45 -16.64
CA VAL B 119 9.46 5.80 -17.25
C VAL B 119 9.28 5.77 -18.75
N SER B 120 9.08 6.94 -19.34
CA SER B 120 8.78 7.09 -20.76
C SER B 120 9.23 8.45 -21.27
N SER B 121 9.50 8.53 -22.59
CA SER B 121 9.88 9.77 -23.30
C SER B 121 8.64 10.43 -23.96
N ALA B 122 7.46 9.79 -23.86
CA ALA B 122 6.22 10.34 -24.42
C ALA B 122 5.72 11.53 -23.59
N SER B 123 4.89 12.37 -24.21
CA SER B 123 4.33 13.57 -23.60
C SER B 123 2.98 13.34 -22.94
N THR B 124 2.71 14.11 -21.87
CA THR B 124 1.44 14.09 -21.15
C THR B 124 0.37 14.60 -22.12
N LYS B 125 -0.74 13.86 -22.25
CA LYS B 125 -1.87 14.23 -23.08
C LYS B 125 -3.17 13.94 -22.34
N GLY B 126 -4.04 14.93 -22.27
CA GLY B 126 -5.34 14.83 -21.62
C GLY B 126 -6.35 14.08 -22.45
N PRO B 127 -7.31 13.37 -21.80
CA PRO B 127 -8.29 12.60 -22.58
C PRO B 127 -9.48 13.40 -23.09
N SER B 128 -10.19 12.79 -24.05
CA SER B 128 -11.45 13.26 -24.59
C SER B 128 -12.47 12.30 -24.01
N VAL B 129 -13.61 12.83 -23.50
CA VAL B 129 -14.65 12.00 -22.87
C VAL B 129 -15.91 12.04 -23.73
N PHE B 130 -16.31 10.88 -24.28
CA PHE B 130 -17.49 10.78 -25.12
C PHE B 130 -18.56 9.88 -24.49
N PRO B 131 -19.85 10.25 -24.58
CA PRO B 131 -20.87 9.36 -24.00
C PRO B 131 -21.16 8.13 -24.86
N LEU B 132 -21.53 7.02 -24.20
CA LEU B 132 -21.93 5.77 -24.81
C LEU B 132 -23.40 5.70 -24.41
N ALA B 133 -24.28 6.30 -25.24
CA ALA B 133 -25.71 6.46 -24.99
C ALA B 133 -26.53 5.15 -24.86
N PRO B 134 -27.54 5.11 -23.94
CA PRO B 134 -28.38 3.90 -23.76
C PRO B 134 -29.25 3.49 -24.95
N SER B 140 -31.17 -5.93 -23.83
CA SER B 140 -30.74 -7.33 -23.84
C SER B 140 -31.30 -8.08 -22.61
N GLY B 141 -32.52 -8.62 -22.77
CA GLY B 141 -33.24 -9.36 -21.73
C GLY B 141 -33.67 -8.49 -20.55
N GLY B 142 -34.15 -7.29 -20.86
CA GLY B 142 -34.59 -6.29 -19.88
C GLY B 142 -33.46 -5.42 -19.36
N THR B 143 -32.23 -5.61 -19.87
CA THR B 143 -31.04 -4.87 -19.45
C THR B 143 -30.65 -3.79 -20.47
N ALA B 144 -30.29 -2.61 -19.96
CA ALA B 144 -29.82 -1.47 -20.75
C ALA B 144 -28.41 -1.17 -20.30
N ALA B 145 -27.57 -0.75 -21.24
CA ALA B 145 -26.19 -0.36 -20.93
C ALA B 145 -25.92 1.05 -21.42
N LEU B 146 -25.09 1.78 -20.68
CA LEU B 146 -24.62 3.11 -21.00
C LEU B 146 -23.19 3.30 -20.45
N GLY B 147 -22.50 4.32 -20.89
CA GLY B 147 -21.14 4.55 -20.42
C GLY B 147 -20.44 5.78 -20.91
N CYS B 148 -19.11 5.79 -20.71
CA CYS B 148 -18.24 6.87 -21.12
C CYS B 148 -16.98 6.32 -21.74
N LEU B 149 -16.59 6.85 -22.90
CA LEU B 149 -15.37 6.48 -23.59
C LEU B 149 -14.33 7.56 -23.31
N VAL B 150 -13.31 7.20 -22.54
CA VAL B 150 -12.19 8.06 -22.13
C VAL B 150 -11.04 7.74 -23.10
N LYS B 151 -10.93 8.54 -24.17
CA LYS B 151 -9.99 8.30 -25.26
C LYS B 151 -8.82 9.29 -25.37
N ASP B 152 -7.64 8.78 -25.80
CA ASP B 152 -6.39 9.47 -26.15
C ASP B 152 -5.70 10.22 -25.00
N TYR B 153 -5.22 9.48 -24.01
CA TYR B 153 -4.51 10.07 -22.88
C TYR B 153 -3.17 9.40 -22.60
N PHE B 154 -2.30 10.11 -21.90
CA PHE B 154 -0.98 9.62 -21.48
C PHE B 154 -0.44 10.53 -20.39
N PRO B 155 0.18 9.98 -19.32
CA PRO B 155 0.35 8.56 -18.98
C PRO B 155 -0.88 8.05 -18.23
N GLU B 156 -0.75 6.89 -17.58
CA GLU B 156 -1.77 6.36 -16.68
C GLU B 156 -1.52 7.12 -15.36
N PRO B 157 -2.48 7.18 -14.41
CA PRO B 157 -3.81 6.57 -14.43
C PRO B 157 -4.92 7.60 -14.70
N VAL B 158 -6.12 7.08 -14.86
CA VAL B 158 -7.31 7.88 -15.00
C VAL B 158 -8.32 7.24 -14.04
N THR B 159 -9.01 8.05 -13.23
CA THR B 159 -10.01 7.47 -12.33
C THR B 159 -11.40 7.79 -12.87
N VAL B 160 -12.32 6.81 -12.80
CA VAL B 160 -13.68 7.02 -13.27
C VAL B 160 -14.69 6.69 -12.16
N SER B 161 -15.60 7.62 -11.90
CA SER B 161 -16.67 7.41 -10.94
C SER B 161 -18.02 7.69 -11.62
N TRP B 162 -19.11 7.20 -11.04
CA TRP B 162 -20.45 7.43 -11.57
C TRP B 162 -21.29 8.09 -10.50
N ASN B 163 -21.81 9.30 -10.80
CA ASN B 163 -22.61 10.13 -9.90
C ASN B 163 -21.87 10.39 -8.57
N SER B 164 -20.56 10.78 -8.67
CA SER B 164 -19.63 11.07 -7.57
C SER B 164 -19.56 9.93 -6.55
N GLY B 165 -19.18 8.74 -7.03
CA GLY B 165 -19.04 7.54 -6.22
C GLY B 165 -20.31 6.92 -5.66
N ALA B 166 -21.49 7.57 -5.85
CA ALA B 166 -22.78 7.07 -5.34
C ALA B 166 -23.22 5.81 -6.08
N LEU B 167 -23.06 5.78 -7.43
CA LEU B 167 -23.42 4.65 -8.27
C LEU B 167 -22.21 3.74 -8.44
N THR B 168 -22.29 2.55 -7.84
CA THR B 168 -21.20 1.58 -7.89
C THR B 168 -21.67 0.21 -8.43
N SER B 169 -22.95 -0.13 -8.21
CA SER B 169 -23.54 -1.39 -8.66
C SER B 169 -23.69 -1.42 -10.18
N GLY B 170 -23.29 -2.54 -10.79
CA GLY B 170 -23.35 -2.74 -12.25
C GLY B 170 -22.33 -1.96 -13.05
N VAL B 171 -21.37 -1.31 -12.37
CA VAL B 171 -20.30 -0.51 -12.99
C VAL B 171 -19.11 -1.40 -13.37
N HIS B 172 -18.53 -1.15 -14.56
CA HIS B 172 -17.32 -1.81 -15.08
C HIS B 172 -16.44 -0.75 -15.73
N THR B 173 -15.32 -0.40 -15.08
CA THR B 173 -14.32 0.50 -15.65
C THR B 173 -13.26 -0.45 -16.17
N PHE B 174 -13.10 -0.47 -17.49
CA PHE B 174 -12.19 -1.40 -18.14
C PHE B 174 -10.74 -0.97 -18.07
N PRO B 175 -9.79 -1.93 -17.96
CA PRO B 175 -8.36 -1.54 -17.99
C PRO B 175 -8.03 -0.85 -19.32
N ALA B 176 -7.16 0.17 -19.30
CA ALA B 176 -6.80 0.92 -20.50
C ALA B 176 -5.99 0.07 -21.47
N VAL B 177 -6.19 0.32 -22.79
CA VAL B 177 -5.44 -0.33 -23.87
C VAL B 177 -4.55 0.72 -24.52
N LEU B 178 -3.31 0.35 -24.81
CA LEU B 178 -2.41 1.25 -25.51
C LEU B 178 -2.73 1.13 -26.99
N GLN B 179 -3.25 2.22 -27.57
CA GLN B 179 -3.62 2.25 -28.98
C GLN B 179 -2.35 2.32 -29.84
N SER B 180 -2.47 2.02 -31.15
CA SER B 180 -1.38 2.05 -32.12
C SER B 180 -0.70 3.42 -32.20
N SER B 181 -1.38 4.46 -31.69
CA SER B 181 -0.91 5.85 -31.62
C SER B 181 -0.01 6.09 -30.39
N GLY B 182 0.02 5.12 -29.48
CA GLY B 182 0.79 5.23 -28.24
C GLY B 182 0.07 5.98 -27.15
N LEU B 183 -1.24 6.17 -27.31
CA LEU B 183 -2.08 6.85 -26.31
C LEU B 183 -3.03 5.81 -25.75
N TYR B 184 -3.43 5.96 -24.50
CA TYR B 184 -4.35 5.03 -23.87
C TYR B 184 -5.80 5.38 -24.17
N SER B 185 -6.66 4.39 -24.04
CA SER B 185 -8.11 4.54 -24.19
C SER B 185 -8.80 3.50 -23.32
N LEU B 186 -9.92 3.90 -22.71
CA LEU B 186 -10.76 3.01 -21.92
C LEU B 186 -12.20 3.44 -21.95
N SER B 187 -13.08 2.52 -21.56
CA SER B 187 -14.48 2.82 -21.43
C SER B 187 -14.91 2.40 -20.02
N SER B 188 -15.86 3.11 -19.47
CA SER B 188 -16.45 2.80 -18.18
C SER B 188 -17.93 2.68 -18.46
N VAL B 189 -18.52 1.56 -18.10
CA VAL B 189 -19.92 1.30 -18.37
C VAL B 189 -20.70 1.00 -17.10
N VAL B 190 -22.03 1.08 -17.21
CA VAL B 190 -23.00 0.75 -16.19
C VAL B 190 -24.21 0.11 -16.87
N THR B 191 -24.69 -1.02 -16.33
CA THR B 191 -25.91 -1.67 -16.81
C THR B 191 -27.00 -1.38 -15.77
N VAL B 192 -28.24 -1.20 -16.25
CA VAL B 192 -29.41 -0.94 -15.41
C VAL B 192 -30.62 -1.64 -16.05
N PRO B 193 -31.73 -1.90 -15.31
CA PRO B 193 -32.91 -2.44 -15.99
C PRO B 193 -33.45 -1.42 -17.01
N SER B 194 -33.73 -1.85 -18.26
CA SER B 194 -34.26 -1.05 -19.37
C SER B 194 -35.42 -0.16 -18.95
N SER B 195 -36.39 -0.73 -18.23
CA SER B 195 -37.59 -0.03 -17.75
C SER B 195 -37.33 1.12 -16.77
N SER B 196 -36.13 1.17 -16.18
CA SER B 196 -35.77 2.23 -15.24
C SER B 196 -35.23 3.51 -15.93
N LEU B 197 -34.89 3.45 -17.23
CA LEU B 197 -34.36 4.59 -17.99
C LEU B 197 -35.34 5.78 -17.98
N GLY B 198 -34.87 6.92 -17.48
CA GLY B 198 -35.65 8.13 -17.34
C GLY B 198 -36.03 8.49 -15.92
N THR B 199 -35.72 7.59 -14.95
CA THR B 199 -36.00 7.77 -13.52
C THR B 199 -34.76 8.26 -12.76
N GLN B 200 -33.58 8.17 -13.40
CA GLN B 200 -32.29 8.52 -12.81
C GLN B 200 -31.39 9.21 -13.86
N THR B 201 -30.48 10.10 -13.39
CA THR B 201 -29.48 10.73 -14.24
C THR B 201 -28.16 10.00 -14.02
N TYR B 202 -27.33 9.93 -15.07
CA TYR B 202 -26.05 9.22 -15.02
C TYR B 202 -24.93 10.12 -15.52
N ILE B 203 -24.02 10.50 -14.60
CA ILE B 203 -22.87 11.35 -14.88
C ILE B 203 -21.59 10.59 -14.59
N CYS B 204 -20.68 10.49 -15.59
CA CYS B 204 -19.40 9.86 -15.36
C CYS B 204 -18.40 10.97 -15.00
N ASN B 205 -17.67 10.77 -13.90
CA ASN B 205 -16.70 11.74 -13.41
C ASN B 205 -15.34 11.19 -13.70
N VAL B 206 -14.67 11.80 -14.67
CA VAL B 206 -13.36 11.43 -15.20
C VAL B 206 -12.28 12.36 -14.66
N ASN B 207 -11.22 11.78 -14.12
CA ASN B 207 -10.10 12.54 -13.60
C ASN B 207 -8.80 11.97 -14.11
N HIS B 208 -7.98 12.83 -14.74
CA HIS B 208 -6.64 12.51 -15.21
C HIS B 208 -5.75 13.60 -14.65
N LYS B 209 -5.29 13.41 -13.40
CA LYS B 209 -4.43 14.34 -12.65
C LYS B 209 -3.20 14.82 -13.45
N PRO B 210 -2.39 13.95 -14.12
CA PRO B 210 -1.24 14.48 -14.91
C PRO B 210 -1.54 15.66 -15.84
N SER B 211 -2.72 15.71 -16.48
CA SER B 211 -3.10 16.78 -17.38
C SER B 211 -4.09 17.80 -16.77
N ASN B 212 -4.37 17.70 -15.44
CA ASN B 212 -5.33 18.55 -14.71
C ASN B 212 -6.74 18.48 -15.34
N THR B 213 -7.10 17.27 -15.81
CA THR B 213 -8.38 16.96 -16.44
C THR B 213 -9.37 16.47 -15.39
N LYS B 214 -10.48 17.19 -15.23
CA LYS B 214 -11.56 16.87 -14.31
C LYS B 214 -12.85 17.07 -15.12
N VAL B 215 -13.33 16.00 -15.79
CA VAL B 215 -14.52 16.03 -16.66
C VAL B 215 -15.70 15.30 -16.06
N ASP B 216 -16.88 15.94 -16.01
CA ASP B 216 -18.13 15.33 -15.54
C ASP B 216 -19.05 15.31 -16.75
N LYS B 217 -19.33 14.11 -17.30
CA LYS B 217 -20.16 13.95 -18.50
C LYS B 217 -21.49 13.23 -18.25
N LYS B 218 -22.61 13.91 -18.55
CA LYS B 218 -23.95 13.36 -18.42
C LYS B 218 -24.26 12.51 -19.65
N VAL B 219 -24.70 11.26 -19.41
CA VAL B 219 -25.04 10.30 -20.47
C VAL B 219 -26.56 10.18 -20.61
N GLU B 220 -27.07 10.58 -21.78
CA GLU B 220 -28.49 10.61 -22.11
C GLU B 220 -28.78 9.87 -23.42
N PRO B 221 -30.02 9.36 -23.66
CA PRO B 221 -30.32 8.72 -24.95
C PRO B 221 -30.38 9.75 -26.08
N LYS B 222 -29.81 9.41 -27.26
CA LYS B 222 -29.80 10.31 -28.42
C LYS B 222 -31.19 10.40 -29.08
N SER B 223 -31.44 11.49 -29.83
CA SER B 223 -32.70 11.72 -30.53
C SER B 223 -32.45 12.13 -31.99
N ASP C 1 22.21 -14.63 -3.85
N ASP C 1 20.16 -12.65 -1.39
CA ASP C 1 20.89 -14.09 -3.49
CA ASP C 1 20.24 -13.19 -2.74
C ASP C 1 19.91 -15.24 -3.16
C ASP C 1 19.03 -14.08 -3.05
N ILE C 2 18.73 -14.91 -2.56
N ILE C 2 18.69 -15.01 -2.13
CA ILE C 2 17.69 -15.92 -2.28
CA ILE C 2 17.65 -16.06 -2.15
C ILE C 2 16.52 -15.76 -3.26
C ILE C 2 16.47 -15.83 -3.14
N GLN C 3 16.28 -16.78 -4.08
CA GLN C 3 15.22 -16.80 -5.10
C GLN C 3 14.00 -17.54 -4.55
N MET C 4 12.79 -17.04 -4.89
CA MET C 4 11.53 -17.65 -4.46
C MET C 4 10.70 -18.08 -5.67
N THR C 5 10.65 -19.39 -5.92
CA THR C 5 9.91 -19.95 -7.05
C THR C 5 8.54 -20.48 -6.61
N GLN C 6 7.47 -19.92 -7.17
CA GLN C 6 6.08 -20.31 -6.89
C GLN C 6 5.50 -21.21 -7.98
N SER C 7 4.71 -22.22 -7.58
CA SER C 7 4.13 -23.17 -8.51
C SER C 7 2.65 -23.46 -8.16
N PRO C 8 1.69 -23.35 -9.12
CA PRO C 8 1.86 -22.92 -10.52
C PRO C 8 1.74 -21.39 -10.67
N SER C 9 1.80 -20.87 -11.90
CA SER C 9 1.64 -19.44 -12.14
C SER C 9 0.17 -19.06 -12.00
N SER C 10 -0.73 -19.99 -12.38
CA SER C 10 -2.18 -19.81 -12.34
C SER C 10 -2.93 -21.14 -12.22
N LEU C 11 -4.17 -21.06 -11.70
CA LEU C 11 -5.10 -22.19 -11.56
C LEU C 11 -6.55 -21.75 -11.40
N SER C 12 -7.48 -22.57 -11.93
CA SER C 12 -8.94 -22.43 -11.87
C SER C 12 -9.50 -23.56 -11.01
N ALA C 13 -10.31 -23.21 -10.00
CA ALA C 13 -10.92 -24.18 -9.09
C ALA C 13 -12.28 -23.69 -8.59
N SER C 14 -13.23 -24.62 -8.42
CA SER C 14 -14.62 -24.34 -8.01
C SER C 14 -14.79 -23.99 -6.54
N VAL C 15 -15.93 -23.33 -6.20
CA VAL C 15 -16.33 -22.96 -4.84
C VAL C 15 -16.53 -24.29 -4.07
N GLY C 16 -15.81 -24.46 -2.97
CA GLY C 16 -15.87 -25.67 -2.16
C GLY C 16 -14.66 -26.57 -2.30
N ASP C 17 -13.91 -26.41 -3.42
CA ASP C 17 -12.69 -27.16 -3.74
C ASP C 17 -11.52 -26.84 -2.79
N ARG C 18 -10.47 -27.68 -2.86
CA ARG C 18 -9.23 -27.53 -2.10
C ARG C 18 -8.07 -27.33 -3.06
N VAL C 19 -7.26 -26.28 -2.86
CA VAL C 19 -6.11 -25.99 -3.74
C VAL C 19 -4.81 -25.87 -2.97
N THR C 20 -3.67 -26.19 -3.62
CA THR C 20 -2.35 -26.08 -3.01
C THR C 20 -1.41 -25.26 -3.89
N ILE C 21 -0.70 -24.31 -3.28
CA ILE C 21 0.28 -23.43 -3.94
C ILE C 21 1.64 -23.75 -3.33
N THR C 22 2.61 -24.03 -4.19
CA THR C 22 3.99 -24.38 -3.83
C THR C 22 4.87 -23.11 -3.81
N CYS C 23 5.91 -23.14 -2.98
CA CYS C 23 6.89 -22.07 -2.88
C CYS C 23 8.24 -22.69 -2.51
N ARG C 24 9.21 -22.60 -3.42
CA ARG C 24 10.54 -23.16 -3.22
C ARG C 24 11.58 -22.04 -3.10
N ALA C 25 12.46 -22.16 -2.10
CA ALA C 25 13.55 -21.23 -1.85
C ALA C 25 14.87 -21.84 -2.36
N SER C 26 15.71 -21.01 -3.00
CA SER C 26 17.02 -21.39 -3.57
C SER C 26 18.00 -21.92 -2.52
N GLN C 27 17.73 -21.63 -1.22
CA GLN C 27 18.52 -22.09 -0.08
C GLN C 27 17.63 -22.12 1.16
N SER C 28 18.04 -22.84 2.22
CA SER C 28 17.27 -22.99 3.45
C SER C 28 16.94 -21.64 4.11
N ILE C 29 15.66 -21.45 4.47
CA ILE C 29 15.17 -20.21 5.08
C ILE C 29 14.42 -20.48 6.41
N SER C 30 14.66 -21.68 7.00
CA SER C 30 14.03 -22.19 8.21
C SER C 30 12.51 -22.06 8.06
N SER C 31 11.86 -21.32 8.95
CA SER C 31 10.42 -21.08 8.93
C SER C 31 10.10 -19.60 8.65
N TYR C 32 11.10 -18.78 8.28
CA TYR C 32 10.92 -17.35 8.01
C TYR C 32 10.27 -17.12 6.63
N LEU C 33 9.02 -17.54 6.50
CA LEU C 33 8.25 -17.54 5.28
C LEU C 33 6.81 -17.04 5.53
N ASN C 34 6.38 -16.04 4.75
CA ASN C 34 5.05 -15.42 4.81
C ASN C 34 4.22 -15.70 3.56
N TRP C 35 2.90 -15.71 3.73
CA TRP C 35 1.96 -15.84 2.62
C TRP C 35 1.05 -14.63 2.63
N TYR C 36 0.95 -13.95 1.47
CA TYR C 36 0.09 -12.80 1.25
C TYR C 36 -0.95 -13.08 0.18
N GLN C 37 -2.10 -12.41 0.29
CA GLN C 37 -3.20 -12.48 -0.67
C GLN C 37 -3.38 -11.07 -1.25
N GLN C 38 -3.37 -10.95 -2.58
CA GLN C 38 -3.57 -9.66 -3.25
C GLN C 38 -4.77 -9.71 -4.17
N LYS C 39 -5.81 -8.97 -3.79
CA LYS C 39 -7.03 -8.85 -4.57
C LYS C 39 -6.90 -7.58 -5.43
N PRO C 40 -7.46 -7.54 -6.66
CA PRO C 40 -7.29 -6.33 -7.50
C PRO C 40 -7.80 -5.04 -6.86
N GLY C 41 -6.90 -4.05 -6.78
CA GLY C 41 -7.16 -2.74 -6.22
C GLY C 41 -7.07 -2.64 -4.70
N LYS C 42 -6.73 -3.75 -4.03
CA LYS C 42 -6.62 -3.81 -2.58
C LYS C 42 -5.17 -4.06 -2.18
N ALA C 43 -4.77 -3.58 -0.99
CA ALA C 43 -3.42 -3.78 -0.46
C ALA C 43 -3.21 -5.27 -0.12
N PRO C 44 -2.00 -5.85 -0.32
CA PRO C 44 -1.81 -7.27 0.04
C PRO C 44 -2.08 -7.51 1.51
N LYS C 45 -2.70 -8.66 1.82
CA LYS C 45 -3.08 -9.04 3.17
C LYS C 45 -2.29 -10.25 3.63
N LEU C 46 -1.68 -10.15 4.84
CA LEU C 46 -0.93 -11.25 5.45
C LEU C 46 -1.87 -12.34 5.95
N LEU C 47 -1.73 -13.55 5.40
CA LEU C 47 -2.55 -14.72 5.76
C LEU C 47 -1.81 -15.60 6.76
N ILE C 48 -0.54 -15.94 6.45
CA ILE C 48 0.31 -16.81 7.24
C ILE C 48 1.71 -16.22 7.43
N TYR C 49 2.27 -16.37 8.65
CA TYR C 49 3.63 -16.00 9.04
C TYR C 49 4.28 -17.24 9.66
N ALA C 50 5.63 -17.25 9.79
CA ALA C 50 6.42 -18.36 10.33
C ALA C 50 6.07 -19.72 9.68
N ALA C 51 5.88 -19.71 8.33
CA ALA C 51 5.55 -20.84 7.44
C ALA C 51 4.18 -21.51 7.68
N SER C 52 3.79 -21.72 8.96
CA SER C 52 2.53 -22.39 9.32
C SER C 52 1.63 -21.63 10.30
N SER C 53 2.00 -20.41 10.74
CA SER C 53 1.13 -19.71 11.70
C SER C 53 0.08 -18.84 11.03
N LEU C 54 -1.18 -19.22 11.20
CA LEU C 54 -2.33 -18.50 10.67
C LEU C 54 -2.53 -17.21 11.47
N GLN C 55 -2.58 -16.08 10.77
CA GLN C 55 -2.77 -14.76 11.35
C GLN C 55 -4.22 -14.62 11.88
N SER C 56 -4.40 -13.86 13.00
CA SER C 56 -5.72 -13.60 13.59
C SER C 56 -6.56 -12.78 12.61
N GLY C 57 -7.84 -13.15 12.49
CA GLY C 57 -8.76 -12.51 11.57
C GLY C 57 -8.73 -13.16 10.18
N VAL C 58 -7.98 -14.27 10.04
CA VAL C 58 -7.83 -15.02 8.78
C VAL C 58 -8.54 -16.38 8.94
N PRO C 59 -9.42 -16.77 7.99
CA PRO C 59 -10.17 -18.04 8.15
C PRO C 59 -9.32 -19.29 8.24
N SER C 60 -9.81 -20.27 9.02
CA SER C 60 -9.19 -21.57 9.26
C SER C 60 -9.01 -22.43 7.99
N ARG C 61 -9.68 -22.05 6.87
CA ARG C 61 -9.54 -22.73 5.58
C ARG C 61 -8.15 -22.50 4.94
N PHE C 62 -7.46 -21.38 5.30
CA PHE C 62 -6.10 -21.08 4.83
C PHE C 62 -5.10 -21.72 5.78
N SER C 63 -4.19 -22.55 5.26
CA SER C 63 -3.18 -23.22 6.08
C SER C 63 -1.82 -23.29 5.40
N GLY C 64 -0.75 -23.24 6.20
CA GLY C 64 0.61 -23.27 5.71
C GLY C 64 1.42 -24.45 6.23
N SER C 65 2.45 -24.86 5.47
CA SER C 65 3.31 -25.99 5.85
C SER C 65 4.69 -25.86 5.20
N GLY C 66 5.71 -26.39 5.86
CA GLY C 66 7.08 -26.38 5.37
C GLY C 66 8.12 -25.78 6.28
N SER C 67 9.40 -26.09 6.00
CA SER C 67 10.60 -25.62 6.67
C SER C 67 11.81 -25.93 5.80
N GLY C 68 12.70 -24.96 5.65
CA GLY C 68 13.90 -25.09 4.84
C GLY C 68 13.74 -24.47 3.47
N THR C 69 13.45 -25.30 2.46
CA THR C 69 13.32 -24.87 1.06
C THR C 69 11.91 -24.96 0.49
N ASP C 70 11.17 -26.06 0.79
CA ASP C 70 9.82 -26.31 0.25
C ASP C 70 8.67 -25.89 1.16
N PHE C 71 7.79 -25.03 0.64
CA PHE C 71 6.64 -24.49 1.38
C PHE C 71 5.33 -24.64 0.61
N THR C 72 4.22 -24.82 1.34
CA THR C 72 2.89 -25.07 0.77
C THR C 72 1.79 -24.23 1.44
N LEU C 73 0.92 -23.64 0.63
CA LEU C 73 -0.27 -22.91 1.07
C LEU C 73 -1.47 -23.69 0.56
N THR C 74 -2.41 -24.05 1.45
CA THR C 74 -3.62 -24.76 1.06
C THR C 74 -4.85 -23.97 1.50
N ILE C 75 -5.91 -23.98 0.67
CA ILE C 75 -7.21 -23.36 0.95
C ILE C 75 -8.22 -24.52 0.90
N SER C 76 -8.68 -24.97 2.09
CA SER C 76 -9.53 -26.14 2.35
C SER C 76 -10.93 -26.16 1.67
N SER C 77 -11.57 -24.99 1.48
CA SER C 77 -12.91 -24.92 0.85
C SER C 77 -13.12 -23.53 0.28
N LEU C 78 -12.72 -23.35 -0.99
CA LEU C 78 -12.76 -22.11 -1.73
C LEU C 78 -14.08 -21.37 -1.71
N GLN C 79 -13.99 -20.04 -1.56
CA GLN C 79 -15.14 -19.13 -1.55
C GLN C 79 -14.99 -18.19 -2.76
N PRO C 80 -16.08 -17.56 -3.30
CA PRO C 80 -15.88 -16.67 -4.48
C PRO C 80 -14.93 -15.49 -4.23
N GLU C 81 -14.85 -15.03 -2.96
CA GLU C 81 -13.96 -13.94 -2.54
C GLU C 81 -12.47 -14.33 -2.54
N ASP C 82 -12.16 -15.64 -2.63
CA ASP C 82 -10.78 -16.15 -2.65
C ASP C 82 -10.02 -15.83 -3.93
N PHE C 83 -10.73 -15.37 -5.00
CA PHE C 83 -10.10 -14.95 -6.25
C PHE C 83 -9.07 -13.84 -5.88
N ALA C 84 -7.78 -14.09 -6.16
CA ALA C 84 -6.66 -13.19 -5.85
C ALA C 84 -5.35 -13.76 -6.40
N THR C 85 -4.25 -13.00 -6.24
CA THR C 85 -2.90 -13.45 -6.55
C THR C 85 -2.23 -13.69 -5.20
N TYR C 86 -1.72 -14.91 -5.00
CA TYR C 86 -1.07 -15.33 -3.77
C TYR C 86 0.45 -15.26 -3.92
N TYR C 87 1.12 -14.70 -2.90
CA TYR C 87 2.57 -14.50 -2.89
C TYR C 87 3.19 -15.04 -1.64
N CYS C 88 4.33 -15.72 -1.79
CA CYS C 88 5.13 -16.12 -0.64
C CYS C 88 6.27 -15.09 -0.53
N GLN C 89 6.87 -14.95 0.65
CA GLN C 89 7.96 -14.00 0.87
C GLN C 89 8.83 -14.56 1.98
N GLN C 90 10.15 -14.53 1.76
CA GLN C 90 11.11 -15.05 2.73
C GLN C 90 11.73 -13.92 3.56
N TYR C 91 11.95 -14.14 4.87
CA TYR C 91 12.49 -13.15 5.81
C TYR C 91 13.73 -13.66 6.57
N TYR C 92 14.52 -14.48 5.90
CA TYR C 92 15.69 -15.11 6.48
C TYR C 92 16.98 -14.29 6.37
N ASP C 93 17.11 -13.39 5.37
CA ASP C 93 18.39 -12.67 5.15
C ASP C 93 18.39 -11.13 5.04
N ASN C 94 17.33 -10.41 5.49
CA ASN C 94 17.26 -8.91 5.36
C ASN C 94 16.98 -8.42 3.92
N LEU C 95 16.83 -9.34 2.95
CA LEU C 95 16.49 -9.02 1.55
C LEU C 95 15.21 -9.80 1.23
N PRO C 96 14.03 -9.34 1.73
CA PRO C 96 12.83 -10.19 1.66
C PRO C 96 12.19 -10.37 0.27
N THR C 97 12.72 -11.34 -0.49
CA THR C 97 12.27 -11.71 -1.82
C THR C 97 10.87 -12.34 -1.84
N PHE C 98 10.00 -11.82 -2.72
CA PHE C 98 8.65 -12.34 -2.96
C PHE C 98 8.73 -13.40 -4.04
N GLY C 99 7.79 -14.35 -3.99
CA GLY C 99 7.61 -15.36 -5.04
C GLY C 99 6.98 -14.63 -6.22
N GLN C 100 7.05 -15.20 -7.44
CA GLN C 100 6.50 -14.55 -8.64
C GLN C 100 4.94 -14.40 -8.63
N GLY C 101 4.27 -15.08 -7.70
CA GLY C 101 2.83 -15.04 -7.54
C GLY C 101 2.08 -16.17 -8.20
N THR C 102 0.91 -16.52 -7.65
CA THR C 102 0.00 -17.52 -8.19
C THR C 102 -1.37 -16.88 -8.29
N LYS C 103 -1.87 -16.71 -9.53
CA LYS C 103 -3.18 -16.12 -9.80
C LYS C 103 -4.25 -17.21 -9.67
N LEU C 104 -5.19 -17.02 -8.73
CA LEU C 104 -6.26 -18.00 -8.49
C LEU C 104 -7.60 -17.55 -9.07
N GLU C 105 -8.08 -18.32 -10.04
CA GLU C 105 -9.37 -18.13 -10.69
C GLU C 105 -10.41 -19.03 -10.03
N ILE C 106 -11.60 -18.49 -9.80
CA ILE C 106 -12.70 -19.26 -9.23
C ILE C 106 -13.51 -19.82 -10.39
N LYS C 107 -13.59 -21.16 -10.50
CA LYS C 107 -14.38 -21.84 -11.54
C LYS C 107 -15.84 -21.65 -11.19
N ARG C 108 -16.71 -21.64 -12.21
CA ARG C 108 -18.14 -21.31 -12.08
C ARG C 108 -18.90 -21.95 -13.25
N THR C 109 -20.27 -22.03 -13.16
CA THR C 109 -21.08 -22.54 -14.26
C THR C 109 -21.03 -21.54 -15.43
N VAL C 110 -21.26 -22.05 -16.64
CA VAL C 110 -21.29 -21.24 -17.86
C VAL C 110 -22.39 -20.17 -17.74
N ALA C 111 -22.03 -18.91 -18.04
CA ALA C 111 -22.93 -17.77 -18.00
C ALA C 111 -22.79 -17.05 -19.34
N ALA C 112 -23.88 -16.98 -20.11
CA ALA C 112 -23.90 -16.32 -21.41
C ALA C 112 -23.85 -14.80 -21.23
N PRO C 113 -23.05 -14.06 -22.04
CA PRO C 113 -23.03 -12.59 -21.88
C PRO C 113 -24.24 -11.90 -22.49
N SER C 114 -24.60 -10.74 -21.95
CA SER C 114 -25.59 -9.88 -22.60
C SER C 114 -24.70 -8.97 -23.50
N VAL C 115 -25.14 -8.71 -24.74
CA VAL C 115 -24.33 -7.96 -25.71
C VAL C 115 -24.97 -6.60 -26.05
N PHE C 116 -24.12 -5.54 -26.10
CA PHE C 116 -24.53 -4.16 -26.37
C PHE C 116 -23.59 -3.51 -27.36
N ILE C 117 -24.15 -2.84 -28.37
CA ILE C 117 -23.38 -2.10 -29.38
C ILE C 117 -23.62 -0.59 -29.21
N PHE C 118 -22.55 0.19 -29.23
CA PHE C 118 -22.64 1.64 -29.09
C PHE C 118 -22.09 2.31 -30.33
N PRO C 119 -22.93 3.10 -31.05
CA PRO C 119 -22.40 3.84 -32.21
C PRO C 119 -21.48 4.99 -31.75
N PRO C 120 -20.60 5.56 -32.60
CA PRO C 120 -19.79 6.70 -32.13
C PRO C 120 -20.68 7.91 -31.86
N SER C 121 -20.34 8.72 -30.86
CA SER C 121 -21.08 9.92 -30.50
C SER C 121 -20.87 10.98 -31.57
N ASP C 122 -21.81 11.95 -31.70
CA ASP C 122 -21.66 13.02 -32.69
C ASP C 122 -20.50 13.95 -32.35
N GLU C 123 -20.18 14.04 -31.04
CA GLU C 123 -19.07 14.81 -30.45
C GLU C 123 -17.73 14.31 -31.00
N GLN C 124 -17.51 12.98 -31.01
CA GLN C 124 -16.30 12.34 -31.52
C GLN C 124 -16.17 12.47 -33.05
N LEU C 125 -17.30 12.28 -33.78
CA LEU C 125 -17.34 12.37 -35.25
C LEU C 125 -16.91 13.73 -35.78
N LYS C 126 -17.12 14.80 -34.99
CA LYS C 126 -16.72 16.17 -35.31
C LYS C 126 -15.19 16.30 -35.28
N SER C 127 -14.48 15.40 -34.54
CA SER C 127 -13.01 15.41 -34.40
C SER C 127 -12.27 14.64 -35.53
N GLY C 128 -12.98 13.80 -36.28
CA GLY C 128 -12.39 13.05 -37.39
C GLY C 128 -12.12 11.58 -37.17
N THR C 129 -12.55 11.04 -36.02
CA THR C 129 -12.40 9.63 -35.66
C THR C 129 -13.75 9.06 -35.20
N ALA C 130 -14.00 7.77 -35.47
CA ALA C 130 -15.20 7.05 -35.06
C ALA C 130 -14.82 5.81 -34.26
N SER C 131 -15.32 5.71 -33.01
CA SER C 131 -15.10 4.55 -32.15
C SER C 131 -16.43 3.86 -31.91
N VAL C 132 -16.51 2.59 -32.28
CA VAL C 132 -17.70 1.77 -32.09
C VAL C 132 -17.37 0.81 -30.95
N VAL C 133 -18.19 0.80 -29.90
CA VAL C 133 -17.93 -0.04 -28.72
C VAL C 133 -18.92 -1.19 -28.63
N CYS C 134 -18.39 -2.38 -28.31
CA CYS C 134 -19.18 -3.58 -28.08
C CYS C 134 -18.92 -4.07 -26.68
N LEU C 135 -19.99 -4.18 -25.89
CA LEU C 135 -19.94 -4.62 -24.51
C LEU C 135 -20.55 -6.00 -24.34
N LEU C 136 -19.81 -6.87 -23.65
CA LEU C 136 -20.19 -8.22 -23.26
C LEU C 136 -20.25 -8.12 -21.73
N ASN C 137 -21.42 -8.34 -21.13
CA ASN C 137 -21.60 -8.19 -19.69
C ASN C 137 -21.86 -9.49 -18.94
N ASN C 138 -21.13 -9.67 -17.81
CA ASN C 138 -21.19 -10.74 -16.83
C ASN C 138 -21.34 -12.15 -17.44
N PHE C 139 -20.24 -12.65 -18.01
CA PHE C 139 -20.15 -13.97 -18.62
C PHE C 139 -19.01 -14.80 -18.00
N TYR C 140 -19.15 -16.14 -18.07
CA TYR C 140 -18.13 -17.10 -17.64
C TYR C 140 -18.24 -18.31 -18.58
N PRO C 141 -17.14 -18.88 -19.12
CA PRO C 141 -15.71 -18.51 -18.94
C PRO C 141 -15.29 -17.25 -19.69
N ARG C 142 -14.08 -16.73 -19.37
CA ARG C 142 -13.47 -15.53 -19.95
C ARG C 142 -13.33 -15.62 -21.47
N GLU C 143 -13.07 -16.84 -21.98
CA GLU C 143 -12.88 -17.14 -23.40
C GLU C 143 -14.11 -16.80 -24.23
N ALA C 144 -13.98 -15.78 -25.10
CA ALA C 144 -15.04 -15.30 -25.97
C ALA C 144 -14.47 -14.73 -27.26
N LYS C 145 -15.15 -14.96 -28.40
CA LYS C 145 -14.73 -14.41 -29.69
C LYS C 145 -15.67 -13.26 -30.05
N VAL C 146 -15.09 -12.06 -30.28
CA VAL C 146 -15.82 -10.85 -30.62
C VAL C 146 -15.40 -10.39 -32.02
N GLN C 147 -16.29 -10.58 -33.00
CA GLN C 147 -16.04 -10.25 -34.39
C GLN C 147 -16.77 -8.99 -34.82
N TRP C 148 -16.05 -8.08 -35.49
CA TRP C 148 -16.61 -6.84 -36.03
C TRP C 148 -16.92 -6.99 -37.52
N LYS C 149 -18.14 -6.63 -37.92
CA LYS C 149 -18.58 -6.69 -39.32
C LYS C 149 -19.08 -5.32 -39.77
N VAL C 150 -18.56 -4.83 -40.92
CA VAL C 150 -18.91 -3.53 -41.50
C VAL C 150 -19.44 -3.82 -42.91
N ASP C 151 -20.78 -3.68 -43.11
CA ASP C 151 -21.48 -4.00 -44.37
C ASP C 151 -21.25 -5.49 -44.75
N ASN C 152 -21.29 -6.37 -43.71
CA ASN C 152 -21.07 -7.82 -43.70
C ASN C 152 -19.61 -8.24 -43.93
N ALA C 153 -18.68 -7.28 -44.06
CA ALA C 153 -17.25 -7.56 -44.24
C ALA C 153 -16.53 -7.61 -42.89
N LEU C 154 -15.90 -8.77 -42.59
CA LEU C 154 -15.16 -9.02 -41.35
C LEU C 154 -13.95 -8.10 -41.28
N GLN C 155 -13.74 -7.46 -40.12
CA GLN C 155 -12.64 -6.52 -39.92
C GLN C 155 -11.42 -7.18 -39.29
N SER C 156 -10.21 -6.60 -39.54
CA SER C 156 -8.92 -7.08 -39.02
C SER C 156 -7.95 -5.93 -38.71
N GLY C 157 -7.33 -6.01 -37.53
CA GLY C 157 -6.33 -5.06 -37.06
C GLY C 157 -6.80 -3.73 -36.47
N ASN C 158 -8.03 -3.31 -36.82
CA ASN C 158 -8.64 -2.05 -36.39
C ASN C 158 -9.47 -2.14 -35.07
N SER C 159 -9.30 -3.22 -34.29
CA SER C 159 -10.02 -3.37 -33.02
C SER C 159 -9.14 -3.85 -31.87
N GLN C 160 -9.46 -3.41 -30.64
CA GLN C 160 -8.74 -3.76 -29.43
C GLN C 160 -9.74 -4.15 -28.36
N GLU C 161 -9.35 -5.09 -27.50
CA GLU C 161 -10.18 -5.61 -26.43
C GLU C 161 -9.59 -5.39 -25.05
N SER C 162 -10.48 -5.31 -24.06
CA SER C 162 -10.14 -5.14 -22.67
C SER C 162 -11.16 -5.95 -21.83
N VAL C 163 -10.67 -6.73 -20.87
CA VAL C 163 -11.47 -7.58 -19.99
C VAL C 163 -11.29 -7.11 -18.54
N THR C 164 -12.39 -7.07 -17.77
CA THR C 164 -12.35 -6.73 -16.36
C THR C 164 -11.83 -7.94 -15.58
N GLU C 165 -11.41 -7.70 -14.34
CA GLU C 165 -11.01 -8.75 -13.42
C GLU C 165 -12.28 -9.51 -13.01
N GLN C 166 -12.14 -10.78 -12.62
CA GLN C 166 -13.25 -11.63 -12.19
C GLN C 166 -14.03 -10.95 -11.06
N ASP C 167 -15.36 -10.90 -11.17
CA ASP C 167 -16.19 -10.29 -10.14
C ASP C 167 -16.07 -11.16 -8.87
N SER C 168 -15.87 -10.53 -7.70
CA SER C 168 -15.65 -11.27 -6.46
C SER C 168 -16.90 -11.97 -5.87
N LYS C 169 -18.12 -11.53 -6.25
CA LYS C 169 -19.34 -12.14 -5.74
C LYS C 169 -19.99 -13.14 -6.72
N ASP C 170 -20.17 -12.76 -8.02
CA ASP C 170 -20.79 -13.64 -9.00
C ASP C 170 -19.77 -14.37 -9.91
N SER C 171 -18.44 -14.17 -9.66
CA SER C 171 -17.30 -14.79 -10.35
C SER C 171 -17.30 -14.66 -11.90
N THR C 172 -17.92 -13.61 -12.48
CA THR C 172 -17.97 -13.43 -13.93
C THR C 172 -16.99 -12.37 -14.48
N TYR C 173 -16.98 -12.23 -15.82
CA TYR C 173 -16.16 -11.29 -16.56
C TYR C 173 -17.00 -10.36 -17.42
N SER C 174 -16.43 -9.21 -17.78
CA SER C 174 -17.02 -8.24 -18.70
C SER C 174 -15.94 -7.83 -19.69
N LEU C 175 -16.34 -7.61 -20.95
CA LEU C 175 -15.41 -7.27 -22.01
C LEU C 175 -15.92 -6.08 -22.83
N SER C 176 -14.99 -5.25 -23.28
CA SER C 176 -15.28 -4.15 -24.19
C SER C 176 -14.37 -4.31 -25.41
N SER C 177 -14.92 -4.21 -26.61
CA SER C 177 -14.16 -4.26 -27.85
C SER C 177 -14.40 -2.93 -28.57
N THR C 178 -13.31 -2.25 -28.93
CA THR C 178 -13.41 -0.97 -29.61
C THR C 178 -12.90 -1.08 -31.04
N LEU C 179 -13.77 -0.83 -32.01
CA LEU C 179 -13.45 -0.78 -33.42
C LEU C 179 -13.18 0.70 -33.72
N THR C 180 -11.97 1.02 -34.22
CA THR C 180 -11.62 2.40 -34.53
C THR C 180 -11.51 2.57 -36.05
N LEU C 181 -12.17 3.60 -36.58
CA LEU C 181 -12.19 3.97 -38.00
C LEU C 181 -12.07 5.49 -38.12
N SER C 182 -11.67 5.97 -39.30
CA SER C 182 -11.62 7.41 -39.59
C SER C 182 -13.06 7.86 -39.88
N LYS C 183 -13.32 9.18 -39.84
CA LYS C 183 -14.65 9.73 -40.14
C LYS C 183 -15.07 9.35 -41.58
N ALA C 184 -14.11 9.41 -42.53
CA ALA C 184 -14.31 9.09 -43.94
C ALA C 184 -14.73 7.64 -44.16
N ASP C 185 -14.02 6.68 -43.53
CA ASP C 185 -14.31 5.25 -43.63
C ASP C 185 -15.63 4.89 -42.93
N TYR C 186 -15.94 5.57 -41.81
CA TYR C 186 -17.18 5.36 -41.07
C TYR C 186 -18.40 5.85 -41.85
N GLU C 187 -18.29 7.03 -42.50
CA GLU C 187 -19.39 7.61 -43.29
C GLU C 187 -19.58 6.91 -44.65
N LYS C 188 -18.58 6.12 -45.09
CA LYS C 188 -18.64 5.38 -46.35
C LYS C 188 -19.51 4.12 -46.26
N HIS C 189 -19.62 3.51 -45.06
CA HIS C 189 -20.39 2.28 -44.82
C HIS C 189 -21.68 2.52 -44.00
N LYS C 190 -22.61 1.55 -44.00
CA LYS C 190 -23.91 1.67 -43.33
C LYS C 190 -24.11 0.77 -42.09
N VAL C 191 -24.06 -0.58 -42.26
CA VAL C 191 -24.31 -1.58 -41.22
C VAL C 191 -23.06 -1.90 -40.41
N TYR C 192 -23.14 -1.66 -39.08
CA TYR C 192 -22.09 -1.91 -38.11
C TYR C 192 -22.56 -2.99 -37.16
N ALA C 193 -21.89 -4.16 -37.20
CA ALA C 193 -22.29 -5.31 -36.41
C ALA C 193 -21.19 -5.89 -35.53
N CYS C 194 -21.61 -6.34 -34.35
CA CYS C 194 -20.75 -7.00 -33.37
C CYS C 194 -21.31 -8.41 -33.16
N GLU C 195 -20.54 -9.43 -33.57
CA GLU C 195 -20.90 -10.84 -33.47
C GLU C 195 -20.12 -11.51 -32.33
N VAL C 196 -20.82 -12.17 -31.41
CA VAL C 196 -20.22 -12.80 -30.22
C VAL C 196 -20.41 -14.33 -30.19
N THR C 197 -19.30 -15.07 -29.99
CA THR C 197 -19.28 -16.51 -29.82
C THR C 197 -18.85 -16.79 -28.38
N HIS C 198 -19.64 -17.61 -27.66
CA HIS C 198 -19.39 -17.98 -26.27
C HIS C 198 -20.11 -19.28 -25.94
N GLN C 199 -19.49 -20.11 -25.06
CA GLN C 199 -19.99 -21.41 -24.59
C GLN C 199 -21.46 -21.38 -24.11
N GLY C 200 -21.88 -20.24 -23.55
CA GLY C 200 -23.23 -20.04 -23.04
C GLY C 200 -24.29 -19.75 -24.08
N LEU C 201 -23.86 -19.46 -25.30
CA LEU C 201 -24.76 -19.16 -26.42
C LEU C 201 -24.92 -20.38 -27.32
N SER C 202 -26.17 -20.66 -27.78
CA SER C 202 -26.50 -21.79 -28.67
C SER C 202 -25.78 -21.59 -30.01
N SER C 203 -25.91 -20.37 -30.55
CA SER C 203 -25.31 -19.91 -31.80
C SER C 203 -24.86 -18.44 -31.59
N PRO C 204 -23.88 -17.91 -32.38
CA PRO C 204 -23.42 -16.53 -32.16
C PRO C 204 -24.49 -15.43 -32.15
N VAL C 205 -24.33 -14.45 -31.23
CA VAL C 205 -25.24 -13.30 -31.06
C VAL C 205 -24.68 -12.07 -31.77
N THR C 206 -25.49 -11.48 -32.66
CA THR C 206 -25.13 -10.27 -33.39
C THR C 206 -25.95 -9.06 -32.92
N LYS C 207 -25.25 -7.99 -32.54
CA LYS C 207 -25.83 -6.70 -32.19
C LYS C 207 -25.38 -5.74 -33.28
N SER C 208 -26.32 -4.95 -33.84
CA SER C 208 -26.01 -4.05 -34.95
C SER C 208 -26.81 -2.76 -34.98
N PHE C 209 -26.33 -1.81 -35.79
CA PHE C 209 -27.00 -0.54 -36.05
C PHE C 209 -26.71 -0.08 -37.47
N ASN C 210 -27.60 0.74 -38.04
CA ASN C 210 -27.44 1.34 -39.36
C ASN C 210 -27.12 2.80 -39.08
N ARG C 211 -25.93 3.27 -39.55
CA ARG C 211 -25.47 4.64 -39.36
C ARG C 211 -26.53 5.62 -39.88
N GLY C 212 -26.90 6.57 -39.03
CA GLY C 212 -27.93 7.56 -39.31
C GLY C 212 -29.32 7.12 -38.86
N GLU C 213 -29.38 6.42 -37.69
CA GLU C 213 -30.56 5.88 -37.01
C GLU C 213 -31.45 5.03 -37.92
#